data_7ZKO
#
_entry.id   7ZKO
#
_cell.length_a   75.870
_cell.length_b   75.870
_cell.length_c   146.900
_cell.angle_alpha   90.000
_cell.angle_beta   90.000
_cell.angle_gamma   120.000
#
_symmetry.space_group_name_H-M   'P 32 2 1'
#
loop_
_entity.id
_entity.type
_entity.pdbx_description
1 polymer 'Thrombin light chain'
2 polymer 'Thrombin heavy chain'
3 polymer TBA-NNp/DDp
4 non-polymer D-phenylalanyl-N-[(2S,3S)-6-{[amino(iminio)methyl]amino}-1-chloro-2-hydroxyhexan-3-yl]-L-prolinamide
5 non-polymer 'SODIUM ION'
6 non-polymer '3-[13-methyl-5,7,12,14-tetrakis(oxidanylidene)-6,13-diazatetracyclo[6.6.2.0^{4,16}.0^{11,15}]hexadeca-1(15),2,4(16),8,10-pentaen-6-yl]propyl 3-[5,7,12,14-tetrakis(oxidanylidene)-13-(3-oxidanylpropyl)-6,13-diazatetracyclo[6.6.2.0^{4,16}.0^{11,15}]hexadeca-1,3,8(16),9,11(15)-pentaen-6-yl]propyl hydrogen phosphate'
7 non-polymer '3-[5-[3-bis(oxidanyl)phosphanyloxypropoxy]naphthalen-1-yl]oxypropyl 3-(5-oxidanylnaphthalen-1-yl)oxypropyl hydrogen phosphate'
8 non-polymer 'POTASSIUM ION'
9 water water
#
loop_
_entity_poly.entity_id
_entity_poly.type
_entity_poly.pdbx_seq_one_letter_code
_entity_poly.pdbx_strand_id
1 'polypeptide(L)' TFGSGEADCGLRPLFEKKSLEDKTERELLESYIDGR L
2 'polypeptide(L)'
;IVEGSDAEIGMSPWQVMLFRKSPQELLCGASLISDRWVLTAAHCLLYPPWDKNFTENDLLVRIGKHSRTRYERNIEKISM
LEKIYIHPRYNWRENLDRDIALMKLKKPVAFSDYIHPVCLPDRETAASLLQAGYKGRVTGWGNLKETWTANVGKGQPSVL
QVVNLPIVERPVCKDSTRIRITDNMFCAGYKPDEGKRGDACEGDSGGPFVMKSPFNNRWYQMGIVSWGEGCDRDGKYGFY
THVFRLKKWIQKVIDQFGE
;
H
3 'polydeoxyribonucleotide' (DG)(DG)(DT)(DT)(DG)(DG)(DT)(DG)(DT)(DG)(DG)(DT)(DT)(DG)(DG) A,B
#
# COMPACT_ATOMS: atom_id res chain seq x y z
N ALA A 7 -4.52 17.43 -8.37
CA ALA A 7 -3.67 17.52 -9.61
C ALA A 7 -2.21 17.73 -9.21
N ASP A 8 -1.95 17.71 -7.90
CA ASP A 8 -0.60 17.84 -7.39
C ASP A 8 -0.06 16.47 -6.98
N CYS A 9 -0.89 15.43 -7.16
CA CYS A 9 -0.61 14.11 -6.61
C CYS A 9 0.68 13.54 -7.19
N GLY A 10 1.41 12.78 -6.37
CA GLY A 10 2.43 11.86 -6.85
C GLY A 10 3.79 12.52 -7.08
N LEU A 11 3.90 13.81 -6.69
CA LEU A 11 5.18 14.50 -6.69
C LEU A 11 5.58 14.78 -5.25
N ARG A 12 6.74 14.24 -4.84
CA ARG A 12 7.18 14.30 -3.46
C ARG A 12 7.87 15.63 -3.18
N PRO A 13 7.34 16.44 -2.24
CA PRO A 13 7.98 17.69 -1.82
C PRO A 13 9.49 17.67 -1.56
N LEU A 14 10.01 16.56 -1.03
CA LEU A 14 11.43 16.49 -0.71
C LEU A 14 12.19 15.75 -1.80
N PHE A 15 11.49 15.33 -2.85
CA PHE A 15 12.18 14.57 -3.89
C PHE A 15 11.97 15.23 -5.25
N GLU A 16 10.92 14.84 -5.99
CA GLU A 16 10.67 15.32 -7.34
C GLU A 16 10.62 16.85 -7.34
N LYS A 17 9.89 17.44 -6.40
CA LYS A 17 9.71 18.88 -6.29
C LYS A 17 11.03 19.61 -6.04
N LYS A 18 12.13 18.87 -5.88
CA LYS A 18 13.43 19.46 -5.59
C LYS A 18 14.52 18.83 -6.45
N SER A 19 14.11 18.00 -7.42
CA SER A 19 14.99 17.41 -8.42
C SER A 19 16.01 16.44 -7.79
N LEU A 20 15.75 15.99 -6.56
CA LEU A 20 16.56 14.96 -5.93
C LEU A 20 15.88 13.60 -6.10
N GLU A 21 16.69 12.54 -6.13
CA GLU A 21 16.19 11.18 -6.27
C GLU A 21 16.53 10.36 -5.03
N ASP A 22 15.61 9.45 -4.67
CA ASP A 22 15.85 8.51 -3.59
C ASP A 22 16.78 7.41 -4.08
N LYS A 23 17.33 6.66 -3.13
CA LYS A 23 18.42 5.75 -3.39
C LYS A 23 18.02 4.63 -4.35
N THR A 24 16.71 4.38 -4.51
CA THR A 24 16.35 3.14 -5.18
C THR A 24 15.41 3.36 -6.37
N GLU A 25 14.85 4.57 -6.51
CA GLU A 25 13.91 4.79 -7.60
C GLU A 25 14.53 4.45 -8.95
N ARG A 26 15.87 4.49 -9.04
CA ARG A 26 16.56 4.18 -10.29
C ARG A 26 16.30 2.72 -10.66
N GLU A 27 16.17 1.86 -9.63
CA GLU A 27 15.86 0.46 -9.87
C GLU A 27 14.53 0.33 -10.59
N LEU A 28 13.58 1.23 -10.27
CA LEU A 28 12.25 1.09 -10.83
C LEU A 28 12.30 1.43 -12.30
N LEU A 29 12.78 2.65 -12.62
CA LEU A 29 12.86 3.12 -14.00
C LEU A 29 13.64 2.10 -14.85
N GLU A 30 14.78 1.64 -14.33
CA GLU A 30 15.64 0.69 -15.02
C GLU A 30 14.90 -0.60 -15.36
N SER A 31 13.89 -0.97 -14.56
CA SER A 31 13.17 -2.23 -14.77
C SER A 31 12.37 -2.16 -16.08
N TYR A 32 12.00 -0.94 -16.47
CA TYR A 32 11.29 -0.70 -17.73
C TYR A 32 12.25 -0.76 -18.92
N ILE A 33 13.19 -1.71 -18.92
CA ILE A 33 14.03 -1.98 -20.07
C ILE A 33 14.31 -3.49 -20.15
N ILE B 1 7.78 -5.43 6.67
CA ILE B 1 8.50 -5.71 5.37
C ILE B 1 9.70 -6.61 5.63
N VAL B 2 9.88 -7.57 4.73
CA VAL B 2 10.93 -8.57 4.84
C VAL B 2 11.98 -8.30 3.76
N GLU B 3 13.22 -8.06 4.21
CA GLU B 3 14.38 -7.89 3.35
C GLU B 3 14.28 -6.56 2.61
N GLY B 4 13.80 -5.55 3.34
CA GLY B 4 13.73 -4.17 2.83
C GLY B 4 14.78 -3.32 3.51
N SER B 5 14.46 -2.04 3.73
CA SER B 5 15.42 -1.10 4.32
C SER B 5 14.71 0.18 4.72
N ASP B 6 15.34 0.92 5.65
CA ASP B 6 14.76 2.14 6.17
C ASP B 6 14.34 3.04 5.03
N ALA B 7 13.11 3.55 5.11
CA ALA B 7 12.65 4.63 4.26
C ALA B 7 13.41 5.90 4.64
N GLU B 8 13.83 6.64 3.61
CA GLU B 8 14.33 7.99 3.82
C GLU B 8 13.15 8.88 4.19
N ILE B 9 13.44 10.00 4.84
CA ILE B 9 12.41 10.97 5.18
C ILE B 9 11.70 11.38 3.90
N GLY B 10 10.35 11.37 3.96
CA GLY B 10 9.47 11.89 2.92
C GLY B 10 9.51 11.10 1.61
N MET B 11 9.98 9.85 1.67
CA MET B 11 10.15 9.03 0.48
C MET B 11 8.81 8.45 0.05
N SER B 12 7.87 8.40 0.99
CA SER B 12 6.57 7.79 0.80
C SER B 12 5.54 8.63 1.55
N PRO B 13 5.34 9.91 1.17
CA PRO B 13 4.57 10.85 1.99
C PRO B 13 3.06 10.59 1.99
N TRP B 14 2.60 9.61 1.20
CA TRP B 14 1.20 9.20 1.17
C TRP B 14 0.98 8.06 2.15
N GLN B 15 2.05 7.43 2.64
CA GLN B 15 1.95 6.32 3.56
C GLN B 15 1.15 6.75 4.78
N VAL B 16 0.22 5.89 5.19
CA VAL B 16 -0.63 6.15 6.34
C VAL B 16 -0.55 4.92 7.25
N MET B 17 -0.68 5.17 8.55
CA MET B 17 -0.70 4.12 9.54
C MET B 17 -2.08 4.09 10.20
N LEU B 18 -2.69 2.90 10.20
CA LEU B 18 -3.94 2.65 10.91
C LEU B 18 -3.66 2.22 12.34
N PHE B 19 -4.13 3.03 13.28
CA PHE B 19 -3.80 2.90 14.70
C PHE B 19 -5.06 2.59 15.49
N ARG B 20 -5.09 1.39 16.10
CA ARG B 20 -6.12 1.01 17.06
C ARG B 20 -5.99 1.89 18.30
N LYS B 21 -7.13 2.27 18.89
CA LYS B 21 -7.14 3.13 20.07
C LYS B 21 -6.81 2.33 21.32
N SER B 22 -7.61 1.30 21.61
CA SER B 22 -7.55 0.60 22.88
C SER B 22 -7.62 -0.91 22.66
N PRO B 23 -6.51 -1.68 22.83
CA PRO B 23 -5.23 -1.10 23.22
C PRO B 23 -4.52 -0.41 22.05
N GLN B 24 -3.71 0.62 22.36
CA GLN B 24 -2.90 1.30 21.38
C GLN B 24 -2.02 0.30 20.66
N GLU B 25 -2.22 0.19 19.34
CA GLU B 25 -1.64 -0.87 18.52
C GLU B 25 -1.65 -0.42 17.06
N LEU B 26 -0.62 -0.86 16.33
CA LEU B 26 -0.59 -0.68 14.87
C LEU B 26 -1.32 -1.85 14.23
N LEU B 27 -2.31 -1.53 13.38
CA LEU B 27 -3.13 -2.54 12.73
C LEU B 27 -2.59 -2.84 11.34
N CYS B 28 -2.38 -1.77 10.57
CA CYS B 28 -2.26 -1.92 9.13
C CYS B 28 -1.59 -0.69 8.52
N GLY B 29 -1.18 -0.82 7.25
CA GLY B 29 -0.88 0.33 6.44
C GLY B 29 -2.12 0.85 5.71
N ALA B 30 -2.07 2.12 5.33
CA ALA B 30 -3.03 2.73 4.42
C ALA B 30 -2.31 3.78 3.57
N SER B 31 -3.04 4.47 2.68
CA SER B 31 -2.43 5.45 1.79
C SER B 31 -3.38 6.63 1.56
N LEU B 32 -2.79 7.81 1.34
CA LEU B 32 -3.52 9.06 1.17
C LEU B 32 -3.67 9.35 -0.32
N ILE B 33 -4.88 9.72 -0.72
CA ILE B 33 -5.20 9.85 -2.13
C ILE B 33 -5.78 11.24 -2.38
N SER B 34 -6.21 11.87 -1.29
CA SER B 34 -6.64 13.26 -1.32
C SER B 34 -6.49 13.82 0.08
N ASP B 35 -6.92 15.07 0.28
CA ASP B 35 -6.86 15.70 1.58
C ASP B 35 -7.88 15.09 2.55
N ARG B 36 -8.80 14.25 2.04
CA ARG B 36 -9.96 13.84 2.81
C ARG B 36 -10.14 12.32 2.80
N TRP B 37 -9.44 11.63 1.90
CA TRP B 37 -9.70 10.22 1.65
C TRP B 37 -8.43 9.38 1.81
N VAL B 38 -8.61 8.21 2.43
CA VAL B 38 -7.53 7.26 2.69
C VAL B 38 -7.96 5.88 2.21
N LEU B 39 -6.99 5.10 1.73
CA LEU B 39 -7.23 3.82 1.08
C LEU B 39 -6.45 2.73 1.82
N THR B 40 -7.08 1.57 2.00
CA THR B 40 -6.52 0.46 2.77
C THR B 40 -7.20 -0.84 2.39
N ALA B 41 -6.71 -1.95 2.95
CA ALA B 41 -7.28 -3.27 2.70
C ALA B 41 -8.52 -3.52 3.56
N ALA B 42 -9.56 -4.09 2.95
CA ALA B 42 -10.81 -4.41 3.65
C ALA B 42 -10.56 -5.29 4.88
N HIS B 43 -9.68 -6.31 4.72
CA HIS B 43 -9.42 -7.30 5.76
C HIS B 43 -8.83 -6.65 7.01
N CYS B 44 -8.31 -5.42 6.88
CA CYS B 44 -7.73 -4.72 8.01
C CYS B 44 -8.83 -4.38 9.02
N LEU B 45 -10.01 -4.05 8.50
CA LEU B 45 -11.13 -3.56 9.28
C LEU B 45 -12.07 -4.72 9.61
N LEU B 46 -12.31 -5.59 8.63
CA LEU B 46 -13.30 -6.65 8.78
C LEU B 46 -12.70 -7.98 8.33
N TYR B 47 -12.52 -8.90 9.29
CA TYR B 47 -12.14 -10.28 9.01
C TYR B 47 -12.76 -11.23 10.03
N PRO B 48 -14.05 -11.63 9.85
CA PRO B 48 -14.72 -12.54 10.78
C PRO B 48 -13.94 -13.79 11.19
N PRO B 49 -13.23 -14.49 10.28
CA PRO B 49 -12.55 -15.73 10.63
C PRO B 49 -11.54 -15.60 11.76
N TRP B 50 -11.09 -14.35 12.04
CA TRP B 50 -10.22 -14.08 13.17
C TRP B 50 -10.93 -13.17 14.17
N ASP B 51 -12.22 -12.92 13.94
CA ASP B 51 -13.04 -12.16 14.87
C ASP B 51 -12.59 -10.70 14.82
N LYS B 52 -12.52 -10.15 13.61
CA LYS B 52 -12.00 -8.80 13.43
C LYS B 52 -13.13 -7.89 12.93
N ASN B 53 -13.53 -6.92 13.76
CA ASN B 53 -14.48 -5.91 13.34
C ASN B 53 -14.11 -4.57 13.98
N PHE B 54 -13.68 -3.61 13.16
CA PHE B 54 -13.39 -2.27 13.63
C PHE B 54 -14.26 -1.26 12.89
N THR B 55 -14.80 -0.31 13.65
CA THR B 55 -15.49 0.82 13.04
C THR B 55 -14.83 2.13 13.48
N GLU B 56 -15.49 3.23 13.09
CA GLU B 56 -14.98 4.59 13.12
C GLU B 56 -14.34 4.92 14.47
N ASN B 57 -15.02 4.57 15.57
CA ASN B 57 -14.62 4.93 16.92
C ASN B 57 -13.32 4.26 17.32
N ASP B 58 -13.06 3.06 16.77
CA ASP B 58 -12.01 2.18 17.26
C ASP B 58 -10.64 2.60 16.73
N LEU B 59 -10.63 3.53 15.77
CA LEU B 59 -9.43 3.65 14.95
C LEU B 59 -8.96 5.09 14.86
N LEU B 60 -7.63 5.23 14.76
CA LEU B 60 -7.00 6.48 14.41
C LEU B 60 -6.18 6.31 13.13
N VAL B 61 -6.18 7.36 12.31
CA VAL B 61 -5.32 7.45 11.15
C VAL B 61 -4.16 8.39 11.48
N ARG B 62 -2.92 7.88 11.35
CA ARG B 62 -1.72 8.67 11.57
C ARG B 62 -0.98 8.86 10.24
N ILE B 63 -0.65 10.13 9.93
CA ILE B 63 -0.13 10.52 8.63
C ILE B 63 1.16 11.33 8.81
N GLY B 64 2.18 11.01 8.01
CA GLY B 64 3.40 11.78 7.96
C GLY B 64 4.49 11.18 8.85
N LYS B 65 4.33 9.90 9.17
CA LYS B 65 5.12 9.23 10.18
C LYS B 65 6.31 8.56 9.54
N HIS B 66 7.29 8.23 10.38
CA HIS B 66 8.44 7.51 9.91
C HIS B 66 8.84 6.49 10.98
N SER B 67 8.91 6.98 12.22
CA SER B 67 9.08 6.16 13.40
C SER B 67 7.77 5.40 13.64
N ARG B 68 7.90 4.08 13.84
CA ARG B 68 6.75 3.22 14.05
C ARG B 68 6.03 3.60 15.35
N THR B 69 6.80 3.70 16.45
CA THR B 69 6.26 3.70 17.80
C THR B 69 6.13 5.12 18.33
N ARG B 70 7.14 5.95 18.08
CA ARG B 70 7.24 7.25 18.73
C ARG B 70 6.27 8.22 18.08
N TYR B 71 5.69 9.12 18.90
CA TYR B 71 4.97 10.25 18.38
C TYR B 71 5.98 11.19 17.74
N GLU B 72 5.58 11.84 16.63
CA GLU B 72 6.51 12.72 15.88
C GLU B 72 5.97 14.15 15.95
N ARG B 73 6.54 14.95 16.86
CA ARG B 73 6.08 16.33 17.14
C ARG B 73 6.18 17.26 15.93
N ASN B 74 5.07 17.85 15.50
CA ASN B 74 5.10 18.88 14.42
C ASN B 74 5.51 18.25 13.09
N ILE B 75 5.37 16.93 12.94
CA ILE B 75 5.64 16.27 11.64
C ILE B 75 4.40 15.46 11.26
N GLU B 76 3.85 14.75 12.24
CA GLU B 76 2.77 13.80 11.98
C GLU B 76 1.43 14.42 12.37
N LYS B 77 0.41 14.17 11.54
CA LYS B 77 -0.95 14.61 11.82
C LYS B 77 -1.81 13.40 12.16
N ILE B 78 -2.83 13.61 13.00
CA ILE B 78 -3.71 12.54 13.44
C ILE B 78 -5.16 12.90 13.13
N SER B 79 -5.83 12.01 12.40
CA SER B 79 -7.21 12.21 11.98
C SER B 79 -8.10 11.09 12.53
N MET B 80 -9.39 11.38 12.63
CA MET B 80 -10.38 10.39 12.99
C MET B 80 -11.29 10.14 11.80
N LEU B 81 -11.71 8.87 11.66
CA LEU B 81 -12.51 8.44 10.53
C LEU B 81 -13.95 8.91 10.73
N GLU B 82 -14.50 9.57 9.70
CA GLU B 82 -15.91 9.92 9.71
C GLU B 82 -16.74 8.70 9.29
N LYS B 83 -16.31 8.03 8.20
CA LYS B 83 -17.05 6.89 7.68
C LYS B 83 -16.11 5.94 6.93
N ILE B 84 -16.18 4.66 7.29
CA ILE B 84 -15.51 3.56 6.59
C ILE B 84 -16.42 3.09 5.44
N TYR B 85 -15.81 2.53 4.39
CA TYR B 85 -16.56 2.01 3.25
C TYR B 85 -15.88 0.76 2.69
N ILE B 86 -16.20 -0.40 3.27
CA ILE B 86 -15.73 -1.66 2.71
C ILE B 86 -16.41 -1.90 1.35
N HIS B 87 -15.70 -2.58 0.45
CA HIS B 87 -16.26 -2.90 -0.86
C HIS B 87 -17.31 -4.01 -0.70
N PRO B 88 -18.50 -3.85 -1.33
CA PRO B 88 -19.64 -4.72 -1.04
C PRO B 88 -19.37 -6.17 -1.44
N ARG B 89 -18.53 -6.35 -2.46
CA ARG B 89 -18.23 -7.67 -2.98
C ARG B 89 -16.91 -8.20 -2.43
N TYR B 90 -16.57 -7.79 -1.20
CA TYR B 90 -15.34 -8.24 -0.55
C TYR B 90 -15.55 -9.63 0.04
N ASN B 91 -14.73 -10.59 -0.43
CA ASN B 91 -14.89 -11.99 -0.10
C ASN B 91 -13.89 -12.38 1.00
N TRP B 92 -14.27 -12.15 2.25
CA TRP B 92 -13.45 -12.58 3.37
C TRP B 92 -13.49 -14.10 3.56
N ARG B 93 -14.49 -14.77 2.97
CA ARG B 93 -14.72 -16.19 3.17
C ARG B 93 -13.65 -17.03 2.48
N GLU B 94 -13.40 -16.77 1.19
CA GLU B 94 -12.56 -17.64 0.37
C GLU B 94 -11.16 -17.06 0.17
N ASN B 95 -11.04 -15.89 -0.48
CA ASN B 95 -9.76 -15.53 -1.09
C ASN B 95 -9.44 -14.04 -1.00
N LEU B 96 -10.15 -13.29 -0.15
CA LEU B 96 -9.91 -11.86 0.04
C LEU B 96 -10.09 -11.06 -1.25
N ASP B 97 -10.98 -11.52 -2.15
CA ASP B 97 -11.27 -10.79 -3.38
C ASP B 97 -11.80 -9.40 -3.04
N ARG B 98 -11.41 -8.41 -3.84
CA ARG B 98 -11.80 -7.03 -3.60
C ARG B 98 -11.51 -6.65 -2.14
N ASP B 99 -10.26 -6.91 -1.71
CA ASP B 99 -9.79 -6.55 -0.39
C ASP B 99 -9.38 -5.09 -0.40
N ILE B 100 -10.39 -4.22 -0.27
CA ILE B 100 -10.25 -2.77 -0.41
C ILE B 100 -11.30 -2.07 0.43
N ALA B 101 -10.92 -0.92 0.99
CA ALA B 101 -11.85 -0.12 1.77
C ALA B 101 -11.41 1.34 1.67
N LEU B 102 -12.39 2.25 1.72
CA LEU B 102 -12.13 3.68 1.73
C LEU B 102 -12.49 4.22 3.10
N MET B 103 -11.85 5.33 3.47
CA MET B 103 -12.14 5.98 4.73
C MET B 103 -12.08 7.50 4.53
N LYS B 104 -13.21 8.16 4.78
CA LYS B 104 -13.30 9.61 4.75
C LYS B 104 -12.97 10.14 6.14
N LEU B 105 -12.09 11.14 6.20
CA LEU B 105 -11.65 11.70 7.47
C LEU B 105 -12.62 12.82 7.88
N LYS B 106 -12.75 13.01 9.20
CA LYS B 106 -13.60 14.05 9.76
C LYS B 106 -13.06 15.44 9.40
N LYS B 107 -11.74 15.62 9.56
CA LYS B 107 -11.07 16.88 9.24
C LYS B 107 -10.06 16.66 8.12
N PRO B 108 -10.07 17.49 7.05
CA PRO B 108 -9.08 17.39 5.98
C PRO B 108 -7.70 17.81 6.50
N VAL B 109 -6.66 17.16 5.95
CA VAL B 109 -5.28 17.33 6.41
C VAL B 109 -4.61 18.44 5.61
N ALA B 110 -3.64 19.10 6.24
CA ALA B 110 -2.77 20.02 5.55
C ALA B 110 -1.56 19.26 5.01
N PHE B 111 -1.22 19.49 3.74
CA PHE B 111 -0.08 18.86 3.10
C PHE B 111 1.21 19.47 3.64
N SER B 112 2.32 18.76 3.42
CA SER B 112 3.61 19.20 3.94
C SER B 112 4.72 18.39 3.27
N ASP B 113 5.92 18.46 3.84
CA ASP B 113 7.06 17.76 3.28
C ASP B 113 6.90 16.26 3.49
N TYR B 114 6.01 15.88 4.41
CA TYR B 114 5.96 14.51 4.91
C TYR B 114 4.61 13.86 4.61
N ILE B 115 3.63 14.66 4.17
CA ILE B 115 2.26 14.21 3.94
C ILE B 115 1.82 14.75 2.59
N HIS B 116 1.65 13.84 1.61
CA HIS B 116 1.36 14.26 0.26
C HIS B 116 0.71 13.14 -0.55
N PRO B 117 -0.41 13.41 -1.27
CA PRO B 117 -1.18 12.38 -1.97
C PRO B 117 -0.48 11.70 -3.14
N VAL B 118 -0.76 10.40 -3.29
CA VAL B 118 -0.30 9.56 -4.39
C VAL B 118 -1.33 9.70 -5.50
N CYS B 119 -0.95 9.35 -6.73
CA CYS B 119 -1.91 9.33 -7.83
C CYS B 119 -2.49 7.93 -7.99
N LEU B 120 -3.77 7.87 -8.40
CA LEU B 120 -4.42 6.62 -8.79
C LEU B 120 -4.37 6.49 -10.31
N PRO B 121 -4.10 5.29 -10.86
CA PRO B 121 -3.86 5.16 -12.30
C PRO B 121 -5.16 5.34 -13.09
N ASP B 122 -4.99 5.67 -14.37
CA ASP B 122 -6.05 5.62 -15.37
C ASP B 122 -5.85 4.36 -16.22
N ARG B 123 -6.65 4.24 -17.29
CA ARG B 123 -6.68 3.06 -18.15
C ARG B 123 -5.29 2.73 -18.68
N GLU B 124 -4.61 3.74 -19.25
CA GLU B 124 -3.39 3.51 -20.00
C GLU B 124 -2.19 3.42 -19.06
N THR B 125 -2.23 4.25 -18.01
CA THR B 125 -1.23 4.22 -16.94
C THR B 125 -1.12 2.78 -16.42
N ALA B 126 -2.27 2.21 -16.06
CA ALA B 126 -2.34 0.81 -15.66
C ALA B 126 -1.77 -0.06 -16.78
N ALA B 127 -2.30 0.13 -17.99
CA ALA B 127 -2.01 -0.72 -19.14
C ALA B 127 -0.52 -0.84 -19.38
N SER B 128 0.17 0.32 -19.38
CA SER B 128 1.57 0.39 -19.75
C SER B 128 2.49 -0.06 -18.61
N LEU B 129 2.13 0.29 -17.37
CA LEU B 129 3.04 0.13 -16.24
C LEU B 129 2.87 -1.21 -15.54
N LEU B 130 1.62 -1.70 -15.47
CA LEU B 130 1.34 -2.97 -14.83
C LEU B 130 1.70 -4.10 -15.78
N GLN B 131 2.95 -4.57 -15.71
CA GLN B 131 3.44 -5.57 -16.64
C GLN B 131 4.54 -6.40 -16.00
N ALA B 132 4.50 -7.70 -16.29
CA ALA B 132 5.43 -8.71 -15.79
C ALA B 132 6.87 -8.25 -16.01
N GLY B 133 7.58 -8.05 -14.89
CA GLY B 133 9.00 -7.74 -14.90
C GLY B 133 9.27 -6.32 -14.41
N TYR B 134 8.27 -5.44 -14.53
CA TYR B 134 8.39 -4.09 -14.01
C TYR B 134 8.30 -4.14 -12.49
N LYS B 135 9.31 -3.58 -11.83
CA LYS B 135 9.37 -3.52 -10.39
C LYS B 135 8.53 -2.36 -9.88
N GLY B 136 7.93 -2.56 -8.69
CA GLY B 136 7.15 -1.58 -7.94
C GLY B 136 7.69 -1.47 -6.52
N ARG B 137 7.07 -0.61 -5.69
CA ARG B 137 7.60 -0.35 -4.36
C ARG B 137 6.53 -0.58 -3.28
N VAL B 138 6.86 -1.45 -2.32
CA VAL B 138 6.00 -1.71 -1.17
C VAL B 138 6.64 -1.10 0.09
N THR B 139 5.82 -0.42 0.88
CA THR B 139 6.25 0.16 2.13
C THR B 139 5.33 -0.26 3.28
N GLY B 140 5.85 -0.18 4.50
CA GLY B 140 5.05 -0.41 5.70
C GLY B 140 5.89 -0.70 6.94
N TRP B 141 5.17 -0.94 8.05
CA TRP B 141 5.73 -1.08 9.38
C TRP B 141 5.50 -2.50 9.89
N GLY B 142 5.10 -3.40 8.99
CA GLY B 142 4.81 -4.77 9.34
C GLY B 142 6.07 -5.53 9.72
N ASN B 143 6.02 -6.86 9.61
CA ASN B 143 6.98 -7.75 10.21
C ASN B 143 8.19 -7.98 9.31
N LEU B 144 9.37 -7.98 9.95
CA LEU B 144 10.67 -8.21 9.32
C LEU B 144 10.89 -9.69 9.04
N LYS B 145 10.11 -10.56 9.70
CA LYS B 145 10.13 -11.99 9.43
C LYS B 145 8.75 -12.58 9.70
N GLU B 146 8.45 -13.74 9.09
CA GLU B 146 7.24 -14.51 9.29
C GLU B 146 6.78 -14.42 10.76
N GLY B 155 9.89 -9.58 13.62
CA GLY B 155 9.14 -8.39 13.17
C GLY B 155 9.33 -7.21 14.13
N GLN B 156 8.44 -6.21 14.01
CA GLN B 156 8.48 -4.96 14.75
C GLN B 156 9.71 -4.14 14.35
N PRO B 157 9.73 -3.50 13.15
CA PRO B 157 10.78 -2.53 12.82
C PRO B 157 10.49 -1.20 13.50
N SER B 158 11.55 -0.40 13.68
CA SER B 158 11.46 0.84 14.43
C SER B 158 11.06 1.99 13.51
N VAL B 159 11.29 1.81 12.20
CA VAL B 159 11.11 2.85 11.21
C VAL B 159 10.50 2.23 9.94
N LEU B 160 9.61 2.98 9.28
CA LEU B 160 9.03 2.62 7.98
C LEU B 160 10.05 1.89 7.11
N GLN B 161 9.66 0.72 6.60
CA GLN B 161 10.49 -0.10 5.75
C GLN B 161 10.06 0.09 4.30
N VAL B 162 10.94 -0.32 3.36
CA VAL B 162 10.71 -0.17 1.93
C VAL B 162 11.36 -1.35 1.22
N VAL B 163 10.75 -1.77 0.10
CA VAL B 163 11.29 -2.80 -0.77
C VAL B 163 10.65 -2.64 -2.15
N ASN B 164 11.43 -2.96 -3.19
CA ASN B 164 10.97 -2.90 -4.56
C ASN B 164 10.89 -4.34 -5.08
N LEU B 165 9.77 -4.68 -5.73
CA LEU B 165 9.59 -6.05 -6.16
C LEU B 165 9.08 -6.07 -7.59
N PRO B 166 9.45 -7.09 -8.40
CA PRO B 166 8.95 -7.21 -9.77
C PRO B 166 7.55 -7.80 -9.83
N ILE B 167 6.68 -7.13 -10.59
CA ILE B 167 5.39 -7.71 -10.95
C ILE B 167 5.65 -9.07 -11.62
N VAL B 168 4.74 -10.01 -11.39
CA VAL B 168 4.91 -11.38 -11.87
C VAL B 168 3.71 -11.73 -12.75
N GLU B 169 3.95 -12.55 -13.77
CA GLU B 169 2.92 -12.97 -14.70
C GLU B 169 1.95 -13.92 -14.00
N ARG B 170 0.68 -13.88 -14.43
CA ARG B 170 -0.44 -14.62 -13.85
C ARG B 170 -0.08 -16.09 -13.67
N PRO B 171 0.20 -16.85 -14.75
CA PRO B 171 0.58 -18.27 -14.64
C PRO B 171 1.45 -18.60 -13.43
N VAL B 172 2.47 -17.78 -13.17
CA VAL B 172 3.37 -18.05 -12.06
C VAL B 172 2.66 -17.77 -10.73
N CYS B 173 1.81 -16.73 -10.71
CA CYS B 173 1.00 -16.39 -9.55
C CYS B 173 0.08 -17.57 -9.22
N LYS B 174 -0.76 -17.96 -10.18
CA LYS B 174 -1.75 -19.01 -10.03
C LYS B 174 -1.09 -20.32 -9.58
N ASP B 175 0.07 -20.66 -10.16
CA ASP B 175 0.70 -21.94 -9.90
C ASP B 175 1.50 -21.90 -8.60
N SER B 176 1.45 -20.78 -7.87
CA SER B 176 2.26 -20.65 -6.66
C SER B 176 1.43 -20.95 -5.42
N THR B 177 0.11 -21.08 -5.59
CA THR B 177 -0.82 -21.21 -4.47
C THR B 177 -2.09 -21.95 -4.92
N ARG B 178 -2.70 -22.67 -3.98
CA ARG B 178 -3.92 -23.41 -4.23
C ARG B 178 -5.15 -22.54 -3.95
N ILE B 179 -4.90 -21.32 -3.47
CA ILE B 179 -5.94 -20.32 -3.31
C ILE B 179 -6.35 -19.80 -4.69
N ARG B 180 -7.66 -19.56 -4.88
CA ARG B 180 -8.19 -19.16 -6.18
C ARG B 180 -7.90 -17.69 -6.42
N ILE B 181 -7.05 -17.42 -7.43
CA ILE B 181 -6.68 -16.09 -7.84
C ILE B 181 -7.83 -15.46 -8.62
N THR B 182 -7.95 -14.13 -8.55
CA THR B 182 -8.85 -13.39 -9.40
C THR B 182 -8.07 -12.27 -10.09
N ASP B 183 -8.79 -11.46 -10.88
CA ASP B 183 -8.19 -10.39 -11.68
C ASP B 183 -8.28 -9.07 -10.92
N ASN B 184 -8.80 -9.15 -9.70
CA ASN B 184 -8.75 -8.06 -8.74
C ASN B 184 -7.48 -8.17 -7.91
N MET B 185 -6.59 -9.10 -8.28
CA MET B 185 -5.36 -9.27 -7.52
C MET B 185 -4.18 -9.53 -8.47
N PHE B 186 -3.02 -8.97 -8.11
CA PHE B 186 -1.79 -9.30 -8.80
C PHE B 186 -0.76 -9.77 -7.78
N CYS B 187 0.31 -10.41 -8.27
CA CYS B 187 1.36 -10.90 -7.40
C CYS B 187 2.71 -10.37 -7.85
N ALA B 188 3.62 -10.23 -6.89
CA ALA B 188 4.91 -9.57 -7.09
C ALA B 188 5.94 -10.18 -6.15
N GLY B 189 7.19 -10.20 -6.62
CA GLY B 189 8.32 -10.73 -5.87
C GLY B 189 9.30 -11.46 -6.78
N TYR B 190 10.53 -11.61 -6.29
CA TYR B 190 11.61 -12.22 -7.04
C TYR B 190 11.39 -13.73 -7.08
N LYS B 191 11.65 -14.31 -8.25
CA LYS B 191 11.57 -15.75 -8.44
C LYS B 191 12.69 -16.43 -7.65
N PRO B 192 12.72 -17.79 -7.58
CA PRO B 192 13.62 -18.49 -6.66
C PRO B 192 15.08 -18.33 -7.08
N ASP B 193 15.27 -18.26 -8.39
CA ASP B 193 16.57 -18.13 -9.05
C ASP B 193 16.74 -16.69 -9.52
N GLU B 194 16.95 -15.76 -8.58
CA GLU B 194 17.09 -14.36 -8.91
C GLU B 194 17.99 -13.64 -7.91
N GLY B 195 18.32 -14.30 -6.79
CA GLY B 195 19.37 -13.81 -5.90
C GLY B 195 18.93 -12.66 -5.01
N LYS B 196 18.12 -11.74 -5.57
CA LYS B 196 17.41 -10.75 -4.78
C LYS B 196 16.12 -11.37 -4.24
N ARG B 197 15.72 -10.91 -3.05
CA ARG B 197 14.47 -11.35 -2.45
C ARG B 197 13.75 -10.16 -1.83
N GLY B 198 12.75 -10.43 -0.98
CA GLY B 198 11.97 -9.39 -0.34
C GLY B 198 10.46 -9.62 -0.52
N ASP B 199 9.68 -9.15 0.46
CA ASP B 199 8.24 -9.37 0.49
C ASP B 199 7.61 -8.45 1.53
N ALA B 200 6.31 -8.19 1.36
CA ALA B 200 5.52 -7.67 2.48
C ALA B 200 5.21 -8.83 3.41
N CYS B 201 4.75 -8.50 4.62
CA CYS B 201 4.44 -9.52 5.60
C CYS B 201 3.18 -9.12 6.37
N GLU B 202 2.80 -9.94 7.36
CA GLU B 202 1.73 -9.58 8.26
C GLU B 202 2.06 -8.24 8.89
N GLY B 203 1.14 -7.28 8.73
CA GLY B 203 1.23 -5.94 9.32
C GLY B 203 1.30 -4.87 8.23
N ASP B 204 1.65 -5.28 7.01
CA ASP B 204 1.89 -4.37 5.90
C ASP B 204 0.61 -4.11 5.11
N SER B 205 -0.45 -4.90 5.38
CA SER B 205 -1.70 -4.86 4.66
C SER B 205 -2.23 -3.44 4.61
N GLY B 206 -2.82 -3.08 3.47
CA GLY B 206 -3.35 -1.73 3.31
C GLY B 206 -2.33 -0.77 2.71
N GLY B 207 -1.04 -1.09 2.89
CA GLY B 207 0.04 -0.29 2.32
C GLY B 207 0.01 -0.31 0.80
N PRO B 208 0.48 0.76 0.12
CA PRO B 208 0.43 0.81 -1.35
C PRO B 208 1.60 0.08 -2.02
N PHE B 209 1.31 -0.53 -3.17
CA PHE B 209 2.32 -0.90 -4.16
C PHE B 209 2.30 0.19 -5.22
N VAL B 210 3.38 0.98 -5.28
CA VAL B 210 3.42 2.20 -6.09
C VAL B 210 4.37 1.98 -7.25
N MET B 211 4.15 2.75 -8.33
CA MET B 211 5.05 2.76 -9.47
C MET B 211 5.26 4.19 -9.93
N LYS B 212 6.53 4.50 -10.28
CA LYS B 212 6.88 5.79 -10.84
C LYS B 212 6.65 5.73 -12.35
N SER B 213 5.84 6.68 -12.84
CA SER B 213 5.55 6.82 -14.25
C SER B 213 6.76 7.40 -14.97
N PRO B 214 7.39 6.66 -15.91
CA PRO B 214 8.52 7.21 -16.66
C PRO B 214 8.03 8.30 -17.60
N PHE B 215 6.69 8.48 -17.67
CA PHE B 215 6.06 9.42 -18.60
C PHE B 215 5.99 10.81 -18.00
N ASN B 216 5.68 10.93 -16.70
CA ASN B 216 5.48 12.25 -16.11
C ASN B 216 6.15 12.37 -14.75
N ASN B 217 7.03 11.40 -14.42
CA ASN B 217 7.73 11.33 -13.14
C ASN B 217 6.76 11.50 -11.98
N ARG B 218 5.66 10.74 -11.98
CA ARG B 218 4.71 10.74 -10.88
C ARG B 218 4.57 9.33 -10.33
N TRP B 219 4.17 9.24 -9.05
CA TRP B 219 3.90 7.96 -8.39
C TRP B 219 2.42 7.63 -8.44
N TYR B 220 2.13 6.40 -8.89
CA TYR B 220 0.79 5.85 -8.96
C TYR B 220 0.68 4.63 -8.06
N GLN B 221 -0.41 4.57 -7.29
CA GLN B 221 -0.69 3.36 -6.51
C GLN B 221 -1.39 2.35 -7.42
N MET B 222 -0.67 1.25 -7.71
CA MET B 222 -1.19 0.17 -8.53
C MET B 222 -1.82 -0.90 -7.66
N GLY B 223 -1.43 -0.92 -6.38
CA GLY B 223 -1.68 -2.08 -5.54
C GLY B 223 -1.98 -1.74 -4.08
N ILE B 224 -2.57 -2.71 -3.39
CA ILE B 224 -2.73 -2.69 -1.95
C ILE B 224 -2.29 -4.07 -1.43
N VAL B 225 -1.41 -4.05 -0.43
CA VAL B 225 -0.99 -5.28 0.22
C VAL B 225 -2.24 -5.97 0.74
N SER B 226 -2.40 -7.24 0.35
CA SER B 226 -3.60 -8.03 0.63
C SER B 226 -3.24 -9.30 1.40
N TRP B 227 -2.46 -10.19 0.77
CA TRP B 227 -2.16 -11.45 1.44
C TRP B 227 -0.91 -12.14 0.87
N GLY B 228 -0.61 -13.29 1.47
CA GLY B 228 0.39 -14.24 1.02
C GLY B 228 0.50 -15.37 2.04
N GLU B 229 1.33 -16.37 1.73
CA GLU B 229 1.46 -17.54 2.57
C GLU B 229 2.87 -17.54 3.16
N GLY B 230 2.95 -17.26 4.46
CA GLY B 230 4.22 -16.86 5.06
C GLY B 230 4.72 -15.57 4.43
N CYS B 231 6.03 -15.33 4.56
CA CYS B 231 6.66 -14.16 3.97
C CYS B 231 8.02 -14.57 3.43
N ASP B 232 8.32 -14.12 2.21
CA ASP B 232 9.65 -14.25 1.64
C ASP B 232 10.01 -15.73 1.52
N ARG B 233 9.13 -16.49 0.87
CA ARG B 233 9.36 -17.90 0.61
C ARG B 233 9.57 -18.12 -0.88
N ASP B 234 10.65 -18.84 -1.20
CA ASP B 234 10.97 -19.22 -2.56
C ASP B 234 9.78 -19.99 -3.13
N GLY B 235 9.26 -19.51 -4.26
CA GLY B 235 8.10 -20.14 -4.91
C GLY B 235 6.79 -19.44 -4.55
N LYS B 236 6.80 -18.63 -3.47
CA LYS B 236 5.63 -17.87 -3.05
C LYS B 236 5.83 -16.39 -3.36
N TYR B 237 4.72 -15.71 -3.66
CA TYR B 237 4.68 -14.31 -4.06
C TYR B 237 3.55 -13.62 -3.30
N GLY B 238 3.80 -12.40 -2.83
CA GLY B 238 2.79 -11.62 -2.14
C GLY B 238 1.73 -11.11 -3.11
N PHE B 239 0.51 -10.90 -2.61
CA PHE B 239 -0.62 -10.55 -3.46
C PHE B 239 -1.13 -9.16 -3.09
N TYR B 240 -1.65 -8.46 -4.11
CA TYR B 240 -2.00 -7.06 -4.00
C TYR B 240 -3.35 -6.87 -4.68
N THR B 241 -4.26 -6.13 -4.02
CA THR B 241 -5.49 -5.71 -4.64
C THR B 241 -5.16 -4.86 -5.87
N HIS B 242 -5.74 -5.24 -7.02
CA HIS B 242 -5.61 -4.51 -8.26
C HIS B 242 -6.44 -3.23 -8.16
N VAL B 243 -5.76 -2.11 -7.91
CA VAL B 243 -6.38 -0.83 -7.58
C VAL B 243 -7.17 -0.29 -8.77
N PHE B 244 -6.65 -0.46 -9.99
CA PHE B 244 -7.30 0.09 -11.16
C PHE B 244 -8.61 -0.63 -11.43
N ARG B 245 -8.55 -1.96 -11.54
CA ARG B 245 -9.74 -2.78 -11.74
C ARG B 245 -10.85 -2.34 -10.77
N LEU B 246 -10.49 -1.70 -9.67
CA LEU B 246 -11.49 -1.24 -8.73
C LEU B 246 -11.57 0.29 -8.72
N LYS B 247 -11.06 0.94 -9.78
CA LYS B 247 -11.00 2.39 -9.82
C LYS B 247 -12.41 2.98 -9.83
N LYS B 248 -13.34 2.32 -10.54
CA LYS B 248 -14.67 2.86 -10.77
C LYS B 248 -15.43 2.92 -9.45
N TRP B 249 -15.31 1.85 -8.64
CA TRP B 249 -15.93 1.84 -7.33
C TRP B 249 -15.38 2.98 -6.49
N ILE B 250 -14.08 3.25 -6.64
CA ILE B 250 -13.41 4.27 -5.84
C ILE B 250 -14.01 5.62 -6.21
N GLN B 251 -13.96 5.98 -7.50
CA GLN B 251 -14.56 7.20 -7.98
C GLN B 251 -16.03 7.25 -7.58
N LYS B 252 -16.74 6.13 -7.78
CA LYS B 252 -18.15 6.04 -7.42
C LYS B 252 -18.34 6.60 -6.01
N VAL B 253 -17.60 6.02 -5.04
CA VAL B 253 -17.81 6.29 -3.63
C VAL B 253 -17.39 7.72 -3.28
N ILE B 254 -16.36 8.23 -3.97
CA ILE B 254 -15.85 9.57 -3.69
C ILE B 254 -16.91 10.60 -4.10
N ASP B 255 -17.44 10.43 -5.32
CA ASP B 255 -18.44 11.31 -5.90
C ASP B 255 -19.63 11.47 -4.95
N GLN B 256 -20.18 10.33 -4.50
CA GLN B 256 -21.37 10.30 -3.68
C GLN B 256 -21.13 10.99 -2.33
N PHE B 257 -20.18 10.46 -1.56
CA PHE B 257 -19.94 10.89 -0.19
C PHE B 257 -18.67 11.74 -0.13
#